data_1NSA
#
_entry.id   1NSA
#
_cell.length_a   103.100
_cell.length_b   103.100
_cell.length_c   46.600
_cell.angle_alpha   90.00
_cell.angle_beta   90.00
_cell.angle_gamma   90.00
#
_symmetry.space_group_name_H-M   'P 43'
#
loop_
_entity.id
_entity.type
_entity.pdbx_description
1 polymer 'PROCARBOXYPEPTIDASE B'
2 non-polymer 'ZINC ION'
3 non-polymer BENZAMIDINE
4 water water
#
_entity_poly.entity_id   1
_entity_poly.type   'polypeptide(L)'
_entity_poly.pdbx_seq_one_letter_code
;FEGEKVFRVNVEDENDISELHELASTRQIDFWKPDSVTQIKPHSTVDFRVKAEDILAVEDFLEQNELQYEVLINNLRSVL
EAQFDSVSRTTGHSYEKYNNWETIEAWTEQVTSKNPDLISRSAIGTTFDGDNIYLLKVGKPGSNKPAIFMDCGFHAREWI
SQAFCQWFVRDAVRTYGYEAHMTEFLDNLDFYVLPVLNIDGYIYTWTKNRMWRKTRSTNAGSSCTGTDPNRNFNAGWCTV
GASVNPCNETYCGSAAESEKETKALADFIRNNLSSIKAYLTIHSYSQMILYPYSYDYKLPENDAELNSLAKGAVKELASL
YGTSYSYGPGSTTIYPAAGGSDDWAYNQGIKYSFTFELRDKGRFGFVLPESQIQATCQETMLAVKYVTNYTLEHL
;
_entity_poly.pdbx_strand_id   A
#
# COMPACT_ATOMS: atom_id res chain seq x y z
N PHE A 1 5.70 14.05 18.27
CA PHE A 1 6.17 14.56 16.94
C PHE A 1 6.22 16.08 16.88
N GLU A 2 6.13 16.69 18.03
CA GLU A 2 6.24 18.14 18.18
C GLU A 2 7.57 18.67 17.63
N GLY A 3 7.48 19.55 16.68
CA GLY A 3 8.64 20.21 16.08
C GLY A 3 9.33 19.40 14.98
N GLU A 4 8.85 18.18 14.68
CA GLU A 4 9.46 17.41 13.58
C GLU A 4 8.91 17.97 12.28
N LYS A 5 9.71 17.91 11.19
CA LYS A 5 9.39 18.43 9.83
C LYS A 5 9.57 17.33 8.81
N VAL A 6 8.87 17.50 7.68
CA VAL A 6 9.09 16.59 6.56
C VAL A 6 9.74 17.46 5.49
N PHE A 7 10.85 17.03 4.95
CA PHE A 7 11.55 17.74 3.86
C PHE A 7 11.30 17.05 2.50
N ARG A 8 11.27 17.90 1.49
CA ARG A 8 11.41 17.52 0.06
C ARG A 8 12.77 18.04 -0.41
N VAL A 9 13.67 17.18 -0.79
CA VAL A 9 15.01 17.53 -1.33
C VAL A 9 15.17 17.11 -2.80
N ASN A 10 15.76 18.01 -3.56
CA ASN A 10 16.07 17.45 -4.87
C ASN A 10 17.50 17.02 -5.05
N VAL A 11 17.56 15.93 -5.71
CA VAL A 11 18.82 15.30 -6.09
C VAL A 11 19.09 15.26 -7.58
N GLU A 12 20.13 15.93 -7.91
CA GLU A 12 20.51 16.08 -9.31
C GLU A 12 21.40 14.94 -9.74
N ASP A 13 22.42 14.60 -8.98
CA ASP A 13 23.34 13.63 -9.56
C ASP A 13 23.79 12.61 -8.55
N GLU A 14 24.66 11.73 -8.94
CA GLU A 14 25.00 10.65 -8.00
C GLU A 14 25.82 11.18 -6.81
N ASN A 15 26.34 12.42 -6.86
CA ASN A 15 27.13 12.78 -5.70
C ASN A 15 26.23 13.29 -4.60
N ASP A 16 25.16 13.86 -5.09
CA ASP A 16 24.03 14.24 -4.24
C ASP A 16 23.51 12.99 -3.51
N ILE A 17 23.38 11.88 -4.22
CA ILE A 17 22.92 10.69 -3.53
C ILE A 17 23.93 10.24 -2.48
N SER A 18 25.21 10.31 -2.81
CA SER A 18 26.13 9.79 -1.82
C SER A 18 26.32 10.71 -0.63
N GLU A 19 26.04 11.96 -0.85
CA GLU A 19 25.94 12.92 0.24
C GLU A 19 24.76 12.62 1.18
N LEU A 20 23.71 12.05 0.61
CA LEU A 20 22.53 11.66 1.44
C LEU A 20 22.68 10.31 2.13
N HIS A 21 23.55 9.43 1.65
CA HIS A 21 24.10 8.29 2.42
C HIS A 21 24.86 8.76 3.67
N GLU A 22 25.59 9.86 3.58
CA GLU A 22 26.37 10.30 4.70
C GLU A 22 25.44 10.95 5.71
N LEU A 23 24.45 11.69 5.20
CA LEU A 23 23.43 12.29 6.09
C LEU A 23 22.73 11.19 6.89
N ALA A 24 22.29 10.19 6.17
CA ALA A 24 21.51 9.10 6.79
C ALA A 24 22.36 8.33 7.81
N SER A 25 23.67 8.26 7.60
CA SER A 25 24.52 7.40 8.44
C SER A 25 24.82 8.14 9.74
N THR A 26 24.57 9.43 9.72
CA THR A 26 24.75 10.38 10.80
C THR A 26 23.44 10.80 11.47
N ARG A 27 22.35 10.95 10.79
CA ARG A 27 21.13 11.24 11.56
C ARG A 27 20.13 10.10 11.34
N GLN A 28 19.23 9.86 12.27
CA GLN A 28 18.05 8.99 11.99
C GLN A 28 16.94 9.74 11.23
N ILE A 29 16.92 9.53 9.91
CA ILE A 29 16.02 10.09 8.86
C ILE A 29 14.97 8.99 8.60
N ASP A 30 13.74 9.37 8.58
CA ASP A 30 12.63 8.52 8.12
C ASP A 30 12.27 8.87 6.67
N PHE A 31 12.66 8.00 5.77
CA PHE A 31 12.35 8.20 4.36
C PHE A 31 10.89 7.81 4.06
N TRP A 32 10.23 8.77 3.51
CA TRP A 32 8.86 8.59 3.07
C TRP A 32 8.78 8.16 1.60
N LYS A 33 9.57 8.82 0.73
CA LYS A 33 9.49 8.45 -0.67
C LYS A 33 10.74 8.98 -1.35
N PRO A 34 11.63 8.10 -1.79
CA PRO A 34 11.44 6.63 -1.71
C PRO A 34 11.65 6.05 -0.30
N ASP A 35 11.59 4.77 -0.16
CA ASP A 35 11.52 4.19 1.20
C ASP A 35 12.90 3.85 1.78
N SER A 36 13.91 4.18 1.02
CA SER A 36 15.30 4.17 1.49
C SER A 36 16.19 5.05 0.61
N VAL A 37 17.36 5.42 1.15
CA VAL A 37 18.45 6.19 0.49
C VAL A 37 19.02 5.41 -0.70
N THR A 38 18.86 4.10 -0.63
CA THR A 38 19.46 3.23 -1.61
C THR A 38 18.57 3.19 -2.86
N GLN A 39 17.37 3.73 -2.76
CA GLN A 39 16.39 3.72 -3.87
C GLN A 39 16.23 5.09 -4.47
N ILE A 40 17.15 6.00 -4.20
CA ILE A 40 17.13 7.32 -4.89
C ILE A 40 17.84 7.21 -6.25
N LYS A 41 17.35 7.90 -7.32
CA LYS A 41 17.99 7.96 -8.65
C LYS A 41 18.12 9.45 -9.02
N PRO A 42 19.11 9.80 -9.82
CA PRO A 42 19.37 11.25 -10.10
C PRO A 42 18.15 11.92 -10.72
N HIS A 43 18.06 13.22 -10.55
CA HIS A 43 16.91 13.95 -11.11
C HIS A 43 15.61 13.41 -10.56
N SER A 44 15.59 13.44 -9.25
CA SER A 44 14.33 13.22 -8.60
C SER A 44 14.33 13.90 -7.26
N THR A 45 13.22 13.66 -6.59
CA THR A 45 12.85 14.29 -5.33
C THR A 45 12.74 13.25 -4.22
N VAL A 46 13.07 13.65 -3.01
CA VAL A 46 13.14 12.70 -1.87
C VAL A 46 12.37 13.32 -0.69
N ASP A 47 11.37 12.65 -0.13
CA ASP A 47 10.61 13.15 1.03
C ASP A 47 11.05 12.36 2.26
N PHE A 48 11.34 13.05 3.34
CA PHE A 48 11.79 12.34 4.61
C PHE A 48 11.50 13.18 5.84
N ARG A 49 11.33 12.51 6.95
CA ARG A 49 11.11 13.24 8.20
C ARG A 49 12.21 13.20 9.26
N VAL A 50 12.30 14.34 9.91
CA VAL A 50 13.47 14.61 10.72
C VAL A 50 13.01 14.91 12.16
N LYS A 51 13.74 14.33 13.10
CA LYS A 51 13.44 14.51 14.52
C LYS A 51 13.76 15.94 14.94
N ALA A 52 12.97 16.46 15.89
CA ALA A 52 13.04 17.83 16.34
C ALA A 52 14.47 18.26 16.62
N GLU A 53 15.19 17.31 17.24
CA GLU A 53 16.51 17.63 17.78
C GLU A 53 17.49 17.80 16.63
N ASP A 54 17.12 17.24 15.47
CA ASP A 54 18.04 17.13 14.31
C ASP A 54 17.76 18.24 13.29
N ILE A 55 16.67 19.02 13.48
CA ILE A 55 16.21 19.96 12.43
C ILE A 55 17.31 20.88 11.94
N LEU A 56 18.08 21.52 12.84
CA LEU A 56 19.12 22.51 12.51
C LEU A 56 20.34 21.84 11.88
N ALA A 57 20.71 20.68 12.36
CA ALA A 57 21.85 19.95 11.78
C ALA A 57 21.58 19.57 10.33
N VAL A 58 20.35 19.19 10.04
CA VAL A 58 20.01 18.85 8.66
C VAL A 58 19.83 20.04 7.71
N GLU A 59 19.30 21.12 8.21
CA GLU A 59 19.17 22.32 7.40
C GLU A 59 20.53 22.97 7.18
N ASP A 60 21.48 22.84 8.12
CA ASP A 60 22.86 23.20 7.76
C ASP A 60 23.41 22.25 6.67
N PHE A 61 23.30 20.97 6.86
CA PHE A 61 23.99 20.06 5.97
C PHE A 61 23.53 20.33 4.53
N LEU A 62 22.20 20.53 4.37
CA LEU A 62 21.64 20.61 3.01
C LEU A 62 22.21 21.89 2.41
N GLU A 63 22.17 22.91 3.24
CA GLU A 63 22.63 24.23 2.80
C GLU A 63 24.14 24.28 2.46
N GLN A 64 24.92 23.69 3.38
CA GLN A 64 26.37 23.65 3.20
C GLN A 64 26.83 22.71 2.08
N ASN A 65 25.94 21.90 1.56
CA ASN A 65 26.29 20.93 0.54
C ASN A 65 25.51 21.20 -0.73
N GLU A 66 24.85 22.33 -0.76
CA GLU A 66 24.05 22.68 -1.95
C GLU A 66 22.90 21.71 -2.28
N LEU A 67 22.22 21.20 -1.30
CA LEU A 67 21.06 20.39 -1.69
C LEU A 67 19.87 21.34 -1.60
N GLN A 68 19.20 21.47 -2.70
CA GLN A 68 18.03 22.35 -2.72
C GLN A 68 16.80 21.64 -2.10
N TYR A 69 16.19 22.30 -1.15
CA TYR A 69 15.15 21.67 -0.30
C TYR A 69 13.92 22.54 -0.12
N GLU A 70 12.88 21.87 0.31
CA GLU A 70 11.66 22.58 0.69
C GLU A 70 11.08 21.81 1.88
N VAL A 71 10.56 22.53 2.79
CA VAL A 71 9.85 21.97 3.98
C VAL A 71 8.39 21.65 3.64
N LEU A 72 8.10 20.40 3.42
CA LEU A 72 6.74 19.92 3.10
C LEU A 72 5.78 20.19 4.25
N ILE A 73 6.17 19.86 5.46
CA ILE A 73 5.35 19.87 6.70
C ILE A 73 6.17 20.49 7.82
N ASN A 74 5.74 21.66 8.24
CA ASN A 74 6.41 22.39 9.26
C ASN A 74 6.30 21.84 10.70
N ASN A 75 5.13 21.26 11.01
CA ASN A 75 5.01 20.67 12.31
C ASN A 75 4.21 19.43 12.11
N LEU A 76 4.86 18.35 12.24
CA LEU A 76 4.13 17.12 12.10
C LEU A 76 3.02 17.01 13.16
N ARG A 77 3.26 17.52 14.33
CA ARG A 77 2.31 17.42 15.44
C ARG A 77 0.93 17.90 15.04
N SER A 78 0.92 19.07 14.47
CA SER A 78 -0.34 19.57 13.92
C SER A 78 -1.01 18.61 12.97
N VAL A 79 -0.22 18.14 12.02
CA VAL A 79 -0.78 17.26 10.98
C VAL A 79 -1.36 15.99 11.67
N LEU A 80 -0.62 15.51 12.67
CA LEU A 80 -1.14 14.40 13.42
C LEU A 80 -2.43 14.75 14.15
N GLU A 81 -2.52 15.94 14.62
CA GLU A 81 -3.79 16.29 15.23
C GLU A 81 -4.89 16.61 14.24
N ALA A 82 -4.60 16.94 13.02
CA ALA A 82 -5.72 17.31 12.13
C ALA A 82 -6.37 16.08 11.52
N GLN A 83 -5.79 15.01 11.91
CA GLN A 83 -5.96 13.78 11.14
C GLN A 83 -7.38 13.23 11.26
N PHE A 84 -7.77 13.15 12.50
CA PHE A 84 -9.01 12.56 12.91
C PHE A 84 -10.05 13.66 12.83
N ASP A 85 -10.31 14.09 11.62
CA ASP A 85 -11.25 15.23 11.46
C ASP A 85 -12.62 14.84 10.83
N SER A 86 -13.02 13.55 11.00
CA SER A 86 -14.33 13.05 10.53
C SER A 86 -15.51 13.80 11.18
N VAL A 87 -16.51 14.20 10.38
CA VAL A 87 -17.64 14.94 11.00
C VAL A 87 -18.71 13.94 11.40
N SER A 88 -18.22 12.77 11.80
CA SER A 88 -19.01 11.63 12.22
C SER A 88 -18.88 11.52 13.73
N ARG A 89 -20.07 11.37 14.35
CA ARG A 89 -20.31 11.30 15.83
C ARG A 89 -20.11 9.91 16.43
N THR A 90 -19.71 8.99 15.60
CA THR A 90 -19.80 7.59 15.98
C THR A 90 -18.51 7.11 16.61
N THR A 91 -18.74 6.39 17.70
CA THR A 91 -17.66 5.68 18.43
C THR A 91 -17.25 4.37 17.75
N GLY A 92 -18.17 3.78 16.96
CA GLY A 92 -17.83 2.50 16.29
C GLY A 92 -17.31 2.70 14.86
N HIS A 93 -17.52 1.72 14.04
CA HIS A 93 -17.11 1.72 12.65
C HIS A 93 -17.84 2.78 11.86
N SER A 94 -17.05 3.50 11.15
CA SER A 94 -17.58 4.33 10.10
C SER A 94 -16.73 4.10 8.86
N TYR A 95 -17.30 4.26 7.68
CA TYR A 95 -16.50 4.14 6.45
C TYR A 95 -15.76 5.44 6.16
N GLU A 96 -16.15 6.50 6.83
CA GLU A 96 -15.65 7.89 6.62
C GLU A 96 -14.76 8.38 7.76
N LYS A 97 -14.34 7.38 8.54
CA LYS A 97 -13.34 7.60 9.56
C LYS A 97 -12.32 6.44 9.58
N TYR A 98 -11.14 6.58 10.24
CA TYR A 98 -10.10 5.50 10.30
C TYR A 98 -10.42 4.58 11.46
N ASN A 99 -10.55 3.28 11.24
CA ASN A 99 -11.05 2.40 12.27
C ASN A 99 -9.84 1.72 12.92
N ASN A 100 -9.75 1.54 14.26
CA ASN A 100 -8.69 0.62 14.68
C ASN A 100 -9.02 -0.84 14.40
N TRP A 101 -8.12 -1.70 14.65
CA TRP A 101 -8.31 -3.11 14.26
C TRP A 101 -9.46 -3.79 15.01
N GLU A 102 -9.57 -3.54 16.29
CA GLU A 102 -10.74 -4.13 17.01
C GLU A 102 -12.03 -3.80 16.27
N THR A 103 -12.03 -2.60 15.80
CA THR A 103 -13.16 -2.09 15.09
C THR A 103 -13.24 -2.67 13.69
N ILE A 104 -12.11 -2.87 13.05
CA ILE A 104 -12.18 -3.50 11.70
C ILE A 104 -12.62 -4.97 11.74
N GLU A 105 -12.10 -5.63 12.76
CA GLU A 105 -12.27 -7.06 12.97
C GLU A 105 -13.72 -7.38 13.29
N ALA A 106 -14.33 -6.58 14.12
CA ALA A 106 -15.77 -6.69 14.35
C ALA A 106 -16.61 -6.33 13.12
N TRP A 107 -16.23 -5.27 12.35
CA TRP A 107 -16.88 -4.93 11.06
C TRP A 107 -16.93 -6.14 10.10
N THR A 108 -15.85 -6.87 9.93
CA THR A 108 -15.80 -7.93 8.95
C THR A 108 -16.87 -8.98 9.29
N GLU A 109 -17.13 -9.03 10.58
CA GLU A 109 -18.10 -10.02 11.08
C GLU A 109 -19.49 -9.45 10.84
N GLN A 110 -19.71 -8.26 11.28
CA GLN A 110 -21.00 -7.66 11.08
C GLN A 110 -21.44 -7.53 9.62
N VAL A 111 -20.55 -7.18 8.74
CA VAL A 111 -20.93 -7.00 7.37
C VAL A 111 -21.21 -8.37 6.79
N THR A 112 -20.59 -9.43 7.31
CA THR A 112 -20.88 -10.76 6.77
C THR A 112 -22.26 -11.27 7.23
N SER A 113 -22.61 -11.00 8.48
CA SER A 113 -23.94 -11.27 9.04
C SER A 113 -25.04 -10.52 8.33
N LYS A 114 -24.74 -9.29 8.02
CA LYS A 114 -25.78 -8.48 7.43
C LYS A 114 -25.97 -8.76 5.94
N ASN A 115 -24.96 -9.32 5.27
CA ASN A 115 -25.14 -9.57 3.81
C ASN A 115 -24.58 -10.93 3.52
N PRO A 116 -25.18 -11.94 4.16
CA PRO A 116 -24.69 -13.30 4.03
C PRO A 116 -24.74 -13.75 2.59
N ASP A 117 -25.65 -13.25 1.80
CA ASP A 117 -25.84 -13.73 0.40
C ASP A 117 -24.71 -13.33 -0.56
N LEU A 118 -24.01 -12.27 -0.16
CA LEU A 118 -23.03 -11.57 -1.01
C LEU A 118 -21.65 -11.68 -0.40
N ILE A 119 -21.56 -11.82 0.92
CA ILE A 119 -20.26 -11.81 1.60
C ILE A 119 -19.98 -13.06 2.44
N SER A 120 -18.80 -13.54 2.35
CA SER A 120 -18.32 -14.68 3.14
C SER A 120 -16.93 -14.34 3.75
N ARG A 121 -16.63 -14.89 4.91
CA ARG A 121 -15.45 -14.45 5.64
C ARG A 121 -14.58 -15.63 6.11
N SER A 122 -13.24 -15.60 5.85
CA SER A 122 -12.30 -16.60 6.38
C SER A 122 -11.15 -15.96 7.15
N ALA A 123 -10.42 -16.84 7.76
CA ALA A 123 -9.17 -16.49 8.40
C ALA A 123 -8.14 -17.35 7.69
N ILE A 124 -7.29 -16.66 6.91
CA ILE A 124 -6.32 -17.37 6.03
C ILE A 124 -5.01 -17.68 6.75
N GLY A 125 -5.01 -17.39 8.04
CA GLY A 125 -3.87 -17.72 8.89
C GLY A 125 -3.86 -16.78 10.07
N THR A 126 -2.79 -16.83 10.78
CA THR A 126 -2.65 -15.97 11.92
C THR A 126 -1.37 -15.12 11.79
N THR A 127 -1.41 -13.89 12.33
CA THR A 127 -0.22 -13.03 12.23
C THR A 127 0.82 -13.50 13.27
N PHE A 128 1.99 -12.86 13.23
CA PHE A 128 3.06 -13.06 14.24
C PHE A 128 2.53 -13.04 15.69
N ASP A 129 1.86 -11.94 16.04
CA ASP A 129 1.30 -11.81 17.39
C ASP A 129 0.04 -12.66 17.57
N GLY A 130 -0.32 -13.46 16.57
CA GLY A 130 -1.48 -14.34 16.72
C GLY A 130 -2.84 -13.72 16.41
N ASP A 131 -2.84 -12.56 15.76
CA ASP A 131 -4.11 -12.00 15.24
C ASP A 131 -4.57 -12.76 14.01
N ASN A 132 -5.85 -12.76 13.81
CA ASN A 132 -6.42 -13.55 12.71
C ASN A 132 -6.45 -12.81 11.40
N ILE A 133 -5.96 -13.45 10.36
CA ILE A 133 -6.01 -12.73 9.09
C ILE A 133 -7.29 -12.96 8.28
N TYR A 134 -8.20 -12.06 8.39
CA TYR A 134 -9.46 -12.24 7.70
C TYR A 134 -9.47 -11.86 6.22
N LEU A 135 -10.10 -12.70 5.49
CA LEU A 135 -10.30 -12.50 4.07
C LEU A 135 -11.80 -12.52 3.84
N LEU A 136 -12.31 -11.57 3.06
CA LEU A 136 -13.75 -11.53 2.71
C LEU A 136 -13.91 -11.95 1.25
N LYS A 137 -14.84 -12.81 0.94
CA LYS A 137 -15.02 -13.18 -0.47
C LYS A 137 -16.38 -12.67 -0.91
N VAL A 138 -16.35 -11.68 -1.80
CA VAL A 138 -17.48 -10.85 -2.13
C VAL A 138 -17.99 -11.22 -3.53
N GLY A 139 -19.22 -11.67 -3.61
CA GLY A 139 -19.80 -12.17 -4.87
C GLY A 139 -21.01 -13.03 -4.59
N LYS A 140 -21.87 -13.04 -5.55
CA LYS A 140 -22.98 -13.95 -5.63
C LYS A 140 -22.39 -15.32 -5.87
N PRO A 141 -22.56 -16.19 -4.92
CA PRO A 141 -21.88 -17.50 -4.90
C PRO A 141 -22.25 -18.37 -6.09
N GLY A 142 -21.26 -18.89 -6.78
CA GLY A 142 -21.58 -19.51 -8.07
C GLY A 142 -20.60 -20.62 -8.37
N SER A 143 -21.08 -21.52 -9.19
CA SER A 143 -20.21 -22.57 -9.71
C SER A 143 -19.16 -21.93 -10.62
N ASN A 144 -17.88 -22.35 -10.36
CA ASN A 144 -16.66 -22.10 -11.20
C ASN A 144 -16.39 -20.65 -11.66
N LYS A 145 -16.49 -19.72 -10.70
CA LYS A 145 -16.35 -18.28 -11.03
C LYS A 145 -14.87 -17.88 -10.97
N PRO A 146 -14.46 -17.07 -11.95
CA PRO A 146 -13.15 -16.37 -11.86
C PRO A 146 -13.11 -15.31 -10.72
N ALA A 147 -11.90 -15.12 -10.20
CA ALA A 147 -11.70 -14.16 -9.09
C ALA A 147 -10.73 -13.02 -9.38
N ILE A 148 -10.94 -11.98 -8.60
CA ILE A 148 -10.06 -10.80 -8.44
C ILE A 148 -9.69 -10.68 -6.97
N PHE A 149 -8.37 -10.75 -6.74
CA PHE A 149 -7.76 -10.61 -5.41
C PHE A 149 -7.30 -9.17 -5.14
N MET A 150 -7.78 -8.58 -4.06
CA MET A 150 -7.38 -7.24 -3.69
C MET A 150 -7.00 -7.24 -2.22
N ASP A 151 -5.79 -6.77 -1.90
CA ASP A 151 -5.41 -6.59 -0.49
C ASP A 151 -5.07 -5.15 -0.08
N CYS A 152 -5.28 -4.77 1.18
CA CYS A 152 -4.87 -3.47 1.70
C CYS A 152 -3.91 -3.65 2.90
N GLY A 153 -3.35 -2.55 3.38
CA GLY A 153 -2.57 -2.58 4.65
C GLY A 153 -1.42 -3.59 4.74
N PHE A 154 -0.63 -3.68 3.69
CA PHE A 154 0.69 -4.28 3.78
C PHE A 154 1.59 -3.37 4.63
N HIS A 155 1.63 -2.05 4.39
CA HIS A 155 2.44 -1.18 5.27
C HIS A 155 1.57 -0.44 6.30
N ALA A 156 1.86 -0.71 7.58
CA ALA A 156 1.13 -0.22 8.77
C ALA A 156 0.76 1.25 8.69
N ARG A 157 1.74 2.13 8.33
CA ARG A 157 1.45 3.60 8.39
C ARG A 157 0.59 4.15 7.21
N GLU A 158 0.20 3.33 6.19
CA GLU A 158 -0.52 3.79 4.98
C GLU A 158 -2.05 3.70 5.12
N TRP A 159 -2.59 4.37 6.16
CA TRP A 159 -3.93 4.12 6.68
C TRP A 159 -5.04 4.25 5.65
N ILE A 160 -4.86 5.12 4.64
CA ILE A 160 -5.90 5.35 3.57
C ILE A 160 -6.15 4.06 2.79
N SER A 161 -5.10 3.26 2.72
CA SER A 161 -5.12 1.92 2.10
C SER A 161 -6.17 1.00 2.77
N GLN A 162 -5.99 0.87 4.09
CA GLN A 162 -6.94 0.12 4.94
C GLN A 162 -8.37 0.64 4.71
N ALA A 163 -8.48 1.99 4.71
CA ALA A 163 -9.76 2.66 4.51
C ALA A 163 -10.39 2.28 3.18
N PHE A 164 -9.60 2.09 2.14
CA PHE A 164 -10.12 1.71 0.81
C PHE A 164 -10.81 0.32 0.71
N CYS A 165 -10.16 -0.72 1.21
CA CYS A 165 -10.73 -2.07 1.15
C CYS A 165 -12.08 -2.13 1.85
N GLN A 166 -12.31 -1.25 2.81
CA GLN A 166 -13.61 -1.19 3.52
C GLN A 166 -14.71 -0.52 2.67
N TRP A 167 -14.33 0.61 2.08
CA TRP A 167 -15.18 1.36 1.19
C TRP A 167 -15.67 0.48 0.05
N PHE A 168 -14.71 -0.23 -0.51
CA PHE A 168 -15.00 -1.11 -1.64
C PHE A 168 -16.17 -2.05 -1.28
N VAL A 169 -16.02 -2.69 -0.08
CA VAL A 169 -16.99 -3.67 0.38
C VAL A 169 -18.31 -3.00 0.67
N ARG A 170 -18.28 -1.79 1.07
CA ARG A 170 -19.53 -1.11 1.27
C ARG A 170 -20.27 -0.84 -0.04
N ASP A 171 -19.52 -0.39 -1.06
CA ASP A 171 -20.09 -0.14 -2.39
C ASP A 171 -20.58 -1.40 -3.07
N ALA A 172 -19.83 -2.45 -2.99
CA ALA A 172 -20.18 -3.74 -3.59
C ALA A 172 -21.52 -4.17 -3.02
N VAL A 173 -21.76 -3.91 -1.75
CA VAL A 173 -23.07 -4.27 -1.19
C VAL A 173 -24.16 -3.25 -1.48
N ARG A 174 -23.87 -1.98 -1.41
CA ARG A 174 -24.87 -0.96 -1.66
C ARG A 174 -25.46 -0.93 -3.09
N THR A 175 -24.72 -1.39 -4.09
CA THR A 175 -25.11 -1.02 -5.47
C THR A 175 -25.38 -2.30 -6.22
N TYR A 176 -25.28 -3.41 -5.48
CA TYR A 176 -25.89 -4.71 -5.93
C TYR A 176 -27.44 -4.65 -6.13
N GLY A 177 -27.90 -5.01 -7.34
CA GLY A 177 -29.31 -4.96 -7.67
C GLY A 177 -29.74 -3.53 -8.03
N TYR A 178 -28.80 -2.57 -7.94
CA TYR A 178 -29.09 -1.21 -8.45
C TYR A 178 -28.13 -0.77 -9.54
N GLU A 179 -26.84 -0.97 -9.41
CA GLU A 179 -25.92 -0.62 -10.51
C GLU A 179 -25.66 -1.85 -11.38
N ALA A 180 -26.07 -1.68 -12.66
CA ALA A 180 -25.89 -2.61 -13.83
C ALA A 180 -24.55 -3.40 -13.85
N HIS A 181 -23.44 -2.70 -13.70
CA HIS A 181 -22.10 -3.30 -13.84
C HIS A 181 -21.58 -3.94 -12.60
N MET A 182 -21.70 -3.21 -11.51
CA MET A 182 -21.44 -3.79 -10.19
C MET A 182 -22.26 -5.05 -9.96
N THR A 183 -23.58 -5.05 -10.20
CA THR A 183 -24.41 -6.33 -10.16
C THR A 183 -23.95 -7.45 -11.11
N GLU A 184 -23.49 -7.07 -12.26
CA GLU A 184 -22.94 -8.09 -13.17
C GLU A 184 -21.59 -8.60 -12.71
N PHE A 185 -20.71 -7.69 -12.25
CA PHE A 185 -19.43 -8.14 -11.68
C PHE A 185 -19.67 -9.16 -10.58
N LEU A 186 -20.46 -8.82 -9.58
CA LEU A 186 -20.64 -9.75 -8.43
C LEU A 186 -21.35 -11.01 -8.85
N ASP A 187 -22.06 -10.94 -9.95
CA ASP A 187 -22.61 -12.21 -10.49
C ASP A 187 -21.54 -13.06 -11.21
N ASN A 188 -20.68 -12.37 -11.90
CA ASN A 188 -19.74 -13.08 -12.74
C ASN A 188 -18.47 -13.46 -12.01
N LEU A 189 -18.02 -12.62 -11.15
CA LEU A 189 -16.70 -12.78 -10.47
C LEU A 189 -16.95 -13.00 -8.98
N ASP A 190 -15.93 -13.54 -8.31
CA ASP A 190 -15.76 -13.21 -6.90
C ASP A 190 -14.60 -12.23 -6.73
N PHE A 191 -14.73 -11.43 -5.71
CA PHE A 191 -13.68 -10.51 -5.24
C PHE A 191 -13.20 -11.08 -3.92
N TYR A 192 -11.94 -11.37 -3.81
CA TYR A 192 -11.31 -11.62 -2.50
C TYR A 192 -10.72 -10.34 -1.92
N VAL A 193 -11.21 -9.88 -0.78
CA VAL A 193 -10.72 -8.64 -0.18
C VAL A 193 -10.06 -8.94 1.17
N LEU A 194 -8.76 -8.64 1.24
CA LEU A 194 -7.97 -8.80 2.48
C LEU A 194 -7.73 -7.41 3.06
N PRO A 195 -8.60 -7.04 4.01
CA PRO A 195 -8.72 -5.60 4.29
C PRO A 195 -7.47 -5.06 4.98
N VAL A 196 -6.72 -5.96 5.69
CA VAL A 196 -5.49 -5.60 6.43
C VAL A 196 -4.49 -6.74 6.34
N LEU A 197 -3.41 -6.60 5.50
CA LEU A 197 -2.47 -7.70 5.64
C LEU A 197 -1.70 -7.57 6.95
N ASN A 198 -1.11 -6.44 7.24
CA ASN A 198 -0.19 -6.36 8.38
C ASN A 198 -0.88 -5.79 9.62
N ILE A 199 -1.57 -6.70 10.26
CA ILE A 199 -2.39 -6.34 11.42
C ILE A 199 -1.53 -5.92 12.60
N ASP A 200 -0.44 -6.65 12.83
CA ASP A 200 0.41 -6.40 14.00
C ASP A 200 1.00 -4.99 13.90
N GLY A 201 1.36 -4.59 12.68
CA GLY A 201 1.93 -3.25 12.48
C GLY A 201 0.87 -2.15 12.66
N TYR A 202 -0.32 -2.51 12.21
CA TYR A 202 -1.41 -1.55 12.16
C TYR A 202 -1.77 -1.14 13.58
N ILE A 203 -1.77 -2.14 14.43
CA ILE A 203 -2.06 -1.92 15.84
C ILE A 203 -0.90 -1.15 16.46
N TYR A 204 0.31 -1.45 16.01
CA TYR A 204 1.43 -0.68 16.54
C TYR A 204 1.33 0.80 16.18
N THR A 205 0.86 1.12 14.94
CA THR A 205 0.72 2.57 14.52
C THR A 205 -0.40 3.31 15.28
N TRP A 206 -1.31 2.48 15.86
CA TRP A 206 -2.41 3.04 16.69
C TRP A 206 -1.91 3.27 18.12
N THR A 207 -1.20 2.28 18.62
CA THR A 207 -0.80 2.31 20.01
C THR A 207 0.50 3.04 20.28
N LYS A 208 1.56 2.81 19.51
CA LYS A 208 2.90 3.31 19.86
C LYS A 208 3.47 4.28 18.82
N ASN A 209 3.57 3.86 17.58
CA ASN A 209 4.29 4.76 16.63
C ASN A 209 3.62 4.84 15.27
N ARG A 210 3.06 5.98 14.99
CA ARG A 210 2.20 6.21 13.82
C ARG A 210 2.96 5.98 12.50
N MET A 211 4.24 5.99 12.65
CA MET A 211 5.12 6.07 11.51
C MET A 211 5.74 4.70 11.18
N TRP A 212 5.29 3.66 11.85
CA TRP A 212 5.79 2.30 11.62
C TRP A 212 5.24 1.69 10.31
N ARG A 213 6.01 0.82 9.66
CA ARG A 213 5.62 0.17 8.39
C ARG A 213 5.70 -1.35 8.46
N LYS A 214 6.78 -1.88 8.96
CA LYS A 214 7.09 -3.33 8.84
C LYS A 214 6.13 -4.24 9.61
N THR A 215 6.40 -5.53 9.61
CA THR A 215 5.65 -6.39 10.51
C THR A 215 6.12 -6.16 11.96
N ARG A 216 5.57 -6.94 12.89
CA ARG A 216 6.11 -6.85 14.27
C ARG A 216 6.81 -8.14 14.74
N SER A 217 7.41 -8.82 13.78
CA SER A 217 8.09 -10.07 14.21
C SER A 217 9.51 -9.78 14.70
N THR A 218 9.89 -10.62 15.58
CA THR A 218 11.17 -10.64 16.27
C THR A 218 12.32 -11.21 15.43
N ASN A 219 13.48 -10.58 15.52
CA ASN A 219 14.64 -11.00 14.70
C ASN A 219 15.73 -11.57 15.58
N ALA A 220 16.22 -12.67 15.12
CA ALA A 220 17.32 -13.37 15.74
C ALA A 220 18.56 -12.48 15.79
N GLY A 221 19.23 -12.39 16.93
CA GLY A 221 20.57 -11.78 16.97
C GLY A 221 20.55 -10.26 17.15
N SER A 222 19.32 -9.75 17.28
CA SER A 222 19.10 -8.29 17.28
C SER A 222 17.87 -7.99 18.12
N SER A 223 17.77 -6.78 18.57
CA SER A 223 16.54 -6.34 19.24
C SER A 223 15.68 -5.53 18.26
N CYS A 224 16.09 -5.59 16.99
CA CYS A 224 15.29 -4.98 15.93
C CYS A 224 14.19 -5.94 15.44
N THR A 225 13.01 -5.35 15.34
CA THR A 225 11.69 -5.94 15.00
C THR A 225 11.22 -5.69 13.53
N GLY A 226 10.77 -6.74 12.80
CA GLY A 226 10.02 -6.57 11.52
C GLY A 226 10.81 -6.88 10.24
N THR A 227 10.09 -7.38 9.26
CA THR A 227 10.48 -7.42 7.87
C THR A 227 9.57 -6.46 7.07
N ASP A 228 10.04 -5.96 5.94
CA ASP A 228 9.17 -5.22 5.03
C ASP A 228 8.33 -6.30 4.29
N PRO A 229 6.96 -6.35 4.49
CA PRO A 229 6.14 -7.42 3.85
C PRO A 229 6.19 -7.41 2.29
N ASN A 230 6.30 -6.21 1.70
CA ASN A 230 6.53 -6.06 0.25
C ASN A 230 7.99 -6.23 -0.23
N ARG A 231 8.83 -6.78 0.63
CA ARG A 231 10.11 -7.30 0.18
C ARG A 231 10.23 -8.79 0.43
N ASN A 232 9.22 -9.44 1.03
CA ASN A 232 9.37 -10.80 1.58
C ASN A 232 8.79 -11.82 0.60
N PHE A 233 8.52 -11.38 -0.66
CA PHE A 233 8.00 -12.40 -1.60
C PHE A 233 9.13 -13.02 -2.42
N ASN A 234 8.77 -14.15 -2.95
CA ASN A 234 9.67 -14.83 -3.85
C ASN A 234 9.58 -14.27 -5.27
N ALA A 235 9.87 -12.99 -5.41
CA ALA A 235 10.15 -12.41 -6.74
C ALA A 235 11.57 -11.82 -6.70
N GLY A 236 12.58 -12.50 -7.26
CA GLY A 236 13.98 -12.02 -7.17
C GLY A 236 14.41 -11.74 -5.72
N TRP A 237 13.83 -12.54 -4.80
CA TRP A 237 13.83 -12.31 -3.33
C TRP A 237 15.16 -11.70 -2.89
N CYS A 238 15.06 -10.46 -2.45
CA CYS A 238 16.21 -9.76 -1.87
C CYS A 238 17.40 -9.57 -2.78
N THR A 239 17.29 -9.71 -4.08
CA THR A 239 18.51 -9.59 -4.89
C THR A 239 18.91 -8.14 -5.21
N VAL A 240 17.99 -7.19 -5.09
CA VAL A 240 18.22 -5.76 -5.37
C VAL A 240 17.24 -4.94 -4.50
N GLY A 241 17.71 -3.79 -4.11
CA GLY A 241 16.92 -2.76 -3.49
C GLY A 241 16.38 -3.21 -2.14
N ALA A 242 17.06 -4.08 -1.48
CA ALA A 242 16.53 -4.65 -0.23
C ALA A 242 17.71 -4.93 0.71
N SER A 243 17.49 -4.75 1.99
CA SER A 243 18.55 -5.05 2.97
C SER A 243 18.46 -6.44 3.56
N VAL A 244 19.61 -6.88 4.11
CA VAL A 244 19.69 -8.03 5.05
C VAL A 244 19.85 -7.61 6.50
N ASN A 245 19.82 -6.35 6.73
CA ASN A 245 19.93 -5.89 8.07
C ASN A 245 18.56 -5.59 8.62
N PRO A 246 18.22 -6.32 9.71
CA PRO A 246 16.84 -6.32 10.29
C PRO A 246 16.41 -4.99 10.83
N CYS A 247 17.38 -4.14 11.07
CA CYS A 247 17.01 -2.84 11.59
C CYS A 247 16.73 -1.85 10.49
N ASN A 248 16.94 -2.28 9.21
CA ASN A 248 16.46 -1.43 8.08
C ASN A 248 14.95 -1.62 7.84
N GLU A 249 14.31 -0.53 7.45
CA GLU A 249 12.95 -0.49 6.89
C GLU A 249 12.82 -1.35 5.63
N THR A 250 13.91 -1.65 4.93
CA THR A 250 13.78 -2.50 3.75
C THR A 250 14.31 -3.88 4.05
N TYR A 251 14.23 -4.26 5.34
CA TYR A 251 14.63 -5.61 5.72
C TYR A 251 13.78 -6.59 4.93
N CYS A 252 14.38 -7.38 4.08
CA CYS A 252 13.70 -8.40 3.23
C CYS A 252 13.29 -9.73 3.94
N GLY A 253 13.60 -9.83 5.21
CA GLY A 253 13.22 -11.01 5.99
C GLY A 253 14.29 -12.08 5.91
N SER A 254 14.22 -13.12 6.69
CA SER A 254 15.35 -14.03 6.72
C SER A 254 15.28 -15.02 5.57
N ALA A 255 14.07 -15.16 4.97
CA ALA A 255 13.85 -15.97 3.74
C ALA A 255 12.58 -15.52 3.06
N ALA A 256 12.47 -15.89 1.81
CA ALA A 256 11.26 -15.52 1.09
C ALA A 256 10.08 -16.18 1.80
N GLU A 257 9.03 -15.42 2.01
CA GLU A 257 7.87 -15.91 2.80
C GLU A 257 8.26 -16.26 4.23
N SER A 258 9.18 -15.47 4.79
CA SER A 258 9.52 -15.73 6.20
C SER A 258 8.44 -15.22 7.15
N GLU A 259 7.66 -14.22 6.75
CA GLU A 259 6.53 -13.78 7.60
C GLU A 259 5.32 -14.77 7.56
N LYS A 260 4.71 -15.00 8.71
CA LYS A 260 3.46 -15.76 8.72
C LYS A 260 2.40 -15.15 7.77
N GLU A 261 2.35 -13.83 7.81
CA GLU A 261 1.35 -13.05 7.09
C GLU A 261 1.48 -13.29 5.59
N THR A 262 2.73 -13.18 5.11
CA THR A 262 3.03 -13.19 3.66
C THR A 262 3.06 -14.63 3.16
N LYS A 263 3.34 -15.58 4.06
CA LYS A 263 3.20 -17.02 3.76
C LYS A 263 1.70 -17.38 3.57
N ALA A 264 0.82 -16.88 4.45
CA ALA A 264 -0.65 -17.06 4.36
C ALA A 264 -1.22 -16.57 3.04
N LEU A 265 -0.84 -15.36 2.68
CA LEU A 265 -1.33 -14.74 1.45
C LEU A 265 -0.77 -15.52 0.28
N ALA A 266 0.46 -15.89 0.34
CA ALA A 266 1.07 -16.51 -0.83
C ALA A 266 0.46 -17.88 -1.05
N ASP A 267 0.28 -18.58 0.08
CA ASP A 267 -0.40 -19.89 0.03
C ASP A 267 -1.84 -19.80 -0.40
N PHE A 268 -2.53 -18.82 0.10
CA PHE A 268 -3.91 -18.75 -0.33
C PHE A 268 -3.97 -18.52 -1.82
N ILE A 269 -3.18 -17.60 -2.30
CA ILE A 269 -3.20 -17.36 -3.72
C ILE A 269 -2.75 -18.60 -4.48
N ARG A 270 -1.83 -19.35 -3.92
CA ARG A 270 -1.43 -20.49 -4.75
C ARG A 270 -2.48 -21.60 -4.79
N ASN A 271 -3.24 -21.65 -3.70
CA ASN A 271 -4.22 -22.70 -3.70
C ASN A 271 -5.36 -22.41 -4.66
N ASN A 272 -5.52 -21.14 -5.07
CA ASN A 272 -6.69 -20.60 -5.88
C ASN A 272 -6.31 -20.08 -7.26
N LEU A 273 -5.15 -20.50 -7.58
CA LEU A 273 -4.43 -19.88 -8.64
C LEU A 273 -5.20 -20.02 -9.94
N SER A 274 -5.89 -21.09 -10.10
CA SER A 274 -6.61 -21.16 -11.40
C SER A 274 -7.83 -20.24 -11.46
N SER A 275 -8.34 -19.73 -10.32
CA SER A 275 -9.49 -18.79 -10.39
C SER A 275 -9.07 -17.34 -10.62
N ILE A 276 -8.09 -16.95 -9.81
CA ILE A 276 -7.70 -15.55 -9.63
C ILE A 276 -7.06 -15.00 -10.91
N LYS A 277 -7.71 -14.00 -11.52
CA LYS A 277 -7.34 -13.54 -12.86
C LYS A 277 -6.58 -12.23 -12.75
N ALA A 278 -6.76 -11.55 -11.61
CA ALA A 278 -6.12 -10.23 -11.40
C ALA A 278 -5.82 -10.07 -9.93
N TYR A 279 -4.74 -9.35 -9.72
CA TYR A 279 -4.15 -9.06 -8.42
C TYR A 279 -4.02 -7.55 -8.25
N LEU A 280 -4.68 -6.99 -7.21
CA LEU A 280 -4.56 -5.53 -6.88
C LEU A 280 -4.10 -5.29 -5.44
N THR A 281 -3.10 -4.43 -5.29
CA THR A 281 -2.47 -4.21 -3.98
C THR A 281 -2.31 -2.74 -3.63
N ILE A 282 -3.02 -2.32 -2.59
CA ILE A 282 -3.29 -0.92 -2.32
C ILE A 282 -2.32 -0.29 -1.28
N HIS A 283 -1.60 0.75 -1.70
CA HIS A 283 -0.57 1.41 -0.91
C HIS A 283 -0.78 2.91 -1.01
N SER A 284 0.21 3.67 -0.43
CA SER A 284 0.04 5.15 -0.26
C SER A 284 1.43 5.66 0.10
N TYR A 285 1.77 6.89 -0.20
CA TYR A 285 0.98 7.92 -0.95
C TYR A 285 1.68 8.05 -2.32
N SER A 286 1.31 9.08 -3.13
CA SER A 286 2.01 9.57 -4.35
C SER A 286 1.26 9.49 -5.68
N GLN A 287 0.09 8.84 -5.70
CA GLN A 287 -0.79 8.85 -6.86
C GLN A 287 -0.14 8.22 -8.07
N MET A 288 0.07 6.94 -8.02
CA MET A 288 0.62 6.22 -9.19
C MET A 288 -0.12 4.90 -9.35
N ILE A 289 0.05 4.26 -10.48
CA ILE A 289 -0.30 2.84 -10.64
C ILE A 289 0.89 2.11 -11.23
N LEU A 290 1.40 1.14 -10.47
CA LEU A 290 2.60 0.45 -10.92
C LEU A 290 2.22 -0.94 -11.42
N TYR A 291 2.97 -1.45 -12.38
CA TYR A 291 2.75 -2.82 -12.76
C TYR A 291 4.14 -3.44 -12.93
N PRO A 292 4.25 -4.74 -13.10
CA PRO A 292 5.61 -5.41 -13.13
C PRO A 292 6.54 -4.90 -14.23
N TYR A 293 7.85 -4.99 -14.08
CA TYR A 293 8.61 -5.51 -12.95
C TYR A 293 9.15 -4.39 -12.09
N SER A 294 9.24 -4.68 -10.79
CA SER A 294 10.07 -3.83 -9.91
C SER A 294 11.44 -4.47 -9.68
N TYR A 295 11.49 -5.78 -9.65
CA TYR A 295 12.77 -6.41 -9.36
C TYR A 295 13.76 -6.31 -10.50
N ASP A 296 13.28 -6.02 -11.69
CA ASP A 296 14.14 -6.04 -12.89
C ASP A 296 13.67 -5.01 -13.93
N TYR A 297 14.60 -4.63 -14.81
CA TYR A 297 14.36 -3.71 -15.95
C TYR A 297 13.79 -4.38 -17.19
N LYS A 298 13.63 -5.63 -17.07
CA LYS A 298 12.86 -6.42 -17.99
C LYS A 298 11.36 -6.03 -17.94
N LEU A 299 10.72 -5.94 -19.13
CA LEU A 299 9.28 -5.59 -19.33
C LEU A 299 8.43 -6.86 -19.35
N PRO A 300 7.22 -6.90 -18.77
CA PRO A 300 6.37 -8.13 -18.97
C PRO A 300 5.88 -8.25 -20.41
N GLU A 301 5.63 -9.47 -20.86
CA GLU A 301 5.25 -9.78 -22.27
C GLU A 301 4.06 -8.93 -22.72
N ASN A 302 3.25 -8.81 -21.71
CA ASN A 302 1.97 -8.14 -21.54
C ASN A 302 2.09 -6.61 -21.68
N ASP A 303 3.31 -6.06 -21.67
CA ASP A 303 3.58 -4.67 -21.25
C ASP A 303 2.62 -3.66 -21.86
N ALA A 304 2.33 -3.88 -23.11
CA ALA A 304 1.57 -2.86 -23.85
C ALA A 304 0.09 -2.74 -23.44
N GLU A 305 -0.45 -3.89 -23.12
CA GLU A 305 -1.76 -4.06 -22.52
C GLU A 305 -1.81 -3.43 -21.14
N LEU A 306 -0.90 -3.81 -20.26
CA LEU A 306 -0.93 -3.26 -18.90
C LEU A 306 -0.73 -1.75 -18.98
N ASN A 307 0.01 -1.41 -19.98
CA ASN A 307 0.26 0.01 -20.01
C ASN A 307 -0.99 0.85 -20.39
N SER A 308 -1.77 0.24 -21.30
CA SER A 308 -2.97 0.94 -21.81
C SER A 308 -4.14 0.87 -20.82
N LEU A 309 -4.18 -0.23 -20.15
CA LEU A 309 -5.16 -0.42 -19.10
C LEU A 309 -4.90 0.58 -17.98
N ALA A 310 -3.62 0.76 -17.62
CA ALA A 310 -3.24 1.76 -16.58
C ALA A 310 -3.56 3.20 -17.01
N LYS A 311 -3.22 3.46 -18.25
CA LYS A 311 -3.54 4.77 -18.81
C LYS A 311 -5.04 5.07 -18.80
N GLY A 312 -5.87 4.11 -19.17
CA GLY A 312 -7.37 4.20 -19.17
C GLY A 312 -7.90 4.40 -17.76
N ALA A 313 -7.34 3.60 -16.83
CA ALA A 313 -7.87 3.60 -15.45
C ALA A 313 -7.61 4.93 -14.76
N VAL A 314 -6.43 5.44 -15.06
CA VAL A 314 -5.96 6.74 -14.50
C VAL A 314 -6.73 7.89 -15.13
N LYS A 315 -7.22 7.65 -16.34
CA LYS A 315 -8.11 8.61 -17.07
C LYS A 315 -9.52 8.62 -16.45
N GLU A 316 -9.99 7.41 -16.07
CA GLU A 316 -11.26 7.27 -15.31
C GLU A 316 -11.18 8.00 -13.97
N LEU A 317 -10.12 7.70 -13.27
CA LEU A 317 -9.97 8.17 -11.94
C LEU A 317 -10.13 9.70 -11.93
N ALA A 318 -9.50 10.32 -12.87
CA ALA A 318 -9.44 11.79 -12.80
C ALA A 318 -10.81 12.44 -13.00
N SER A 319 -11.75 11.66 -13.47
CA SER A 319 -13.07 12.18 -13.84
C SER A 319 -13.66 12.89 -12.68
N LEU A 320 -13.65 12.23 -11.57
CA LEU A 320 -14.28 12.86 -10.42
C LEU A 320 -13.59 14.16 -10.07
N TYR A 321 -12.44 14.06 -9.50
CA TYR A 321 -11.97 15.25 -8.85
C TYR A 321 -10.84 15.96 -9.59
N GLY A 322 -10.39 15.38 -10.69
CA GLY A 322 -9.30 15.95 -11.45
C GLY A 322 -7.95 15.47 -10.90
N THR A 323 -7.96 14.52 -9.96
CA THR A 323 -6.73 13.94 -9.37
C THR A 323 -5.84 13.30 -10.41
N SER A 324 -4.57 13.75 -10.47
CA SER A 324 -3.56 13.25 -11.44
C SER A 324 -2.81 12.06 -10.84
N TYR A 325 -2.85 11.01 -11.63
CA TYR A 325 -2.03 9.82 -11.36
C TYR A 325 -1.02 9.66 -12.46
N SER A 326 0.01 8.93 -12.14
CA SER A 326 0.98 8.54 -13.16
C SER A 326 1.11 7.03 -13.13
N TYR A 327 1.83 6.43 -14.04
CA TYR A 327 1.84 4.98 -14.07
C TYR A 327 3.06 4.53 -14.85
N GLY A 328 3.40 3.26 -14.72
CA GLY A 328 4.47 2.64 -15.50
C GLY A 328 4.87 1.37 -14.77
N PRO A 329 5.87 0.70 -15.27
CA PRO A 329 6.51 -0.48 -14.61
C PRO A 329 7.39 -0.03 -13.44
N GLY A 330 7.47 -0.81 -12.38
CA GLY A 330 7.93 -0.22 -11.10
C GLY A 330 9.41 0.16 -11.16
N SER A 331 10.19 -0.61 -11.82
CA SER A 331 11.64 -0.45 -11.86
C SER A 331 12.10 0.89 -12.44
N THR A 332 11.53 1.31 -13.56
CA THR A 332 11.89 2.61 -14.13
C THR A 332 10.99 3.71 -13.60
N THR A 333 9.78 3.42 -13.28
CA THR A 333 8.99 4.49 -12.60
C THR A 333 9.58 4.89 -11.24
N ILE A 334 10.21 3.96 -10.55
CA ILE A 334 10.85 4.30 -9.27
C ILE A 334 12.32 3.91 -9.38
N TYR A 335 12.63 2.72 -8.98
CA TYR A 335 13.98 2.21 -9.01
C TYR A 335 13.81 0.71 -8.72
N PRO A 336 14.65 -0.20 -9.24
CA PRO A 336 14.50 -1.63 -8.91
C PRO A 336 14.39 -1.89 -7.41
N ALA A 337 13.43 -2.73 -7.05
CA ALA A 337 13.29 -3.31 -5.70
C ALA A 337 12.65 -4.69 -5.85
N ALA A 338 13.26 -5.73 -5.23
CA ALA A 338 12.89 -7.16 -5.23
C ALA A 338 11.97 -7.47 -4.04
N GLY A 339 11.23 -8.58 -4.23
CA GLY A 339 10.38 -9.27 -3.26
C GLY A 339 8.95 -8.71 -3.20
N GLY A 340 8.51 -7.88 -4.16
CA GLY A 340 7.12 -7.36 -4.00
C GLY A 340 6.06 -8.40 -4.46
N SER A 341 4.87 -8.28 -3.87
CA SER A 341 3.78 -9.26 -4.18
C SER A 341 3.22 -9.14 -5.61
N ASP A 342 3.29 -7.93 -6.19
CA ASP A 342 2.76 -7.68 -7.55
C ASP A 342 3.52 -8.46 -8.62
N ASP A 343 4.83 -8.45 -8.45
CA ASP A 343 5.81 -9.14 -9.31
C ASP A 343 5.69 -10.62 -9.04
N TRP A 344 5.52 -10.99 -7.82
CA TRP A 344 5.40 -12.41 -7.59
C TRP A 344 4.08 -12.96 -8.20
N ALA A 345 2.91 -12.33 -7.89
CA ALA A 345 1.63 -12.76 -8.46
C ALA A 345 1.72 -12.82 -9.99
N TYR A 346 2.28 -11.81 -10.61
CA TYR A 346 2.50 -11.81 -12.05
C TYR A 346 3.31 -13.01 -12.52
N ASN A 347 4.42 -13.25 -11.85
CA ASN A 347 5.20 -14.40 -12.28
C ASN A 347 4.43 -15.69 -11.98
N GLN A 348 3.36 -15.64 -11.18
CA GLN A 348 2.58 -16.90 -10.99
C GLN A 348 1.68 -17.10 -12.18
N GLY A 349 1.56 -16.12 -13.04
CA GLY A 349 0.67 -16.27 -14.19
C GLY A 349 -0.50 -15.31 -14.09
N ILE A 350 -0.47 -14.39 -13.17
CA ILE A 350 -1.64 -13.54 -13.09
C ILE A 350 -1.36 -12.29 -13.92
N LYS A 351 -1.87 -12.29 -15.14
CA LYS A 351 -1.42 -11.30 -16.13
C LYS A 351 -1.73 -9.91 -15.68
N TYR A 352 -2.71 -9.77 -14.83
CA TYR A 352 -3.07 -8.39 -14.47
C TYR A 352 -2.78 -8.16 -13.00
N SER A 353 -1.64 -7.57 -12.83
CA SER A 353 -1.10 -7.28 -11.49
C SER A 353 -0.77 -5.79 -11.33
N PHE A 354 -1.44 -5.08 -10.40
CA PHE A 354 -1.19 -3.67 -10.25
C PHE A 354 -0.89 -3.38 -8.78
N THR A 355 -0.08 -2.36 -8.53
CA THR A 355 -0.06 -1.64 -7.24
C THR A 355 -0.63 -0.26 -7.44
N PHE A 356 -1.45 0.16 -6.51
CA PHE A 356 -1.92 1.52 -6.50
C PHE A 356 -1.30 2.25 -5.33
N GLU A 357 -0.84 3.45 -5.58
CA GLU A 357 -0.32 4.35 -4.52
C GLU A 357 -1.34 5.46 -4.39
N LEU A 358 -2.15 5.49 -3.37
CA LEU A 358 -3.16 6.53 -3.43
C LEU A 358 -2.62 7.94 -3.11
N ARG A 359 -3.52 8.87 -2.75
CA ARG A 359 -3.22 10.27 -2.39
C ARG A 359 -2.41 10.34 -1.12
N ASP A 360 -1.79 11.45 -0.82
CA ASP A 360 -1.72 12.54 -1.77
C ASP A 360 -0.33 12.57 -2.44
N LYS A 361 0.17 13.74 -2.66
CA LYS A 361 1.49 13.71 -3.30
C LYS A 361 2.54 14.39 -2.44
N GLY A 362 2.20 14.55 -1.14
CA GLY A 362 3.20 14.82 -0.13
C GLY A 362 2.73 15.94 0.75
N ARG A 363 1.57 16.50 0.49
CA ARG A 363 1.14 17.57 1.42
C ARG A 363 0.94 17.04 2.83
N PHE A 364 0.38 15.87 2.90
CA PHE A 364 0.15 15.19 4.17
C PHE A 364 0.88 13.84 4.16
N GLY A 365 1.17 13.34 2.97
CA GLY A 365 1.85 12.05 2.86
C GLY A 365 1.00 10.92 3.45
N PHE A 366 1.54 10.18 4.41
CA PHE A 366 0.84 9.05 5.06
C PHE A 366 -0.32 9.50 5.97
N VAL A 367 -0.17 10.74 6.45
CA VAL A 367 -1.01 11.39 7.50
C VAL A 367 -2.16 12.22 6.92
N LEU A 368 -2.82 11.55 5.99
CA LEU A 368 -3.99 12.07 5.25
C LEU A 368 -5.20 12.19 6.18
N PRO A 369 -5.95 13.29 6.24
CA PRO A 369 -7.02 13.43 7.27
C PRO A 369 -8.32 12.74 6.87
N GLU A 370 -9.09 12.38 7.91
CA GLU A 370 -10.23 11.52 7.65
C GLU A 370 -11.17 12.22 6.68
N SER A 371 -11.10 13.52 6.66
CA SER A 371 -11.97 14.24 5.74
C SER A 371 -11.75 13.92 4.25
N GLN A 372 -10.61 13.31 3.92
CA GLN A 372 -10.34 13.05 2.50
C GLN A 372 -10.56 11.59 2.20
N ILE A 373 -11.10 10.86 3.18
CA ILE A 373 -11.33 9.44 2.94
C ILE A 373 -12.28 9.20 1.76
N GLN A 374 -13.40 9.88 1.82
CA GLN A 374 -14.42 9.53 0.87
C GLN A 374 -14.10 9.90 -0.56
N ALA A 375 -13.73 11.15 -0.81
CA ALA A 375 -13.31 11.59 -2.16
C ALA A 375 -12.25 10.66 -2.71
N THR A 376 -11.26 10.34 -1.85
CA THR A 376 -10.18 9.41 -2.25
C THR A 376 -10.70 8.07 -2.70
N CYS A 377 -11.68 7.59 -1.95
CA CYS A 377 -12.17 6.23 -2.23
C CYS A 377 -13.10 6.20 -3.44
N GLN A 378 -13.91 7.26 -3.62
CA GLN A 378 -14.75 7.37 -4.79
C GLN A 378 -13.96 7.38 -6.12
N GLU A 379 -12.97 8.24 -6.20
CA GLU A 379 -12.21 8.16 -7.45
C GLU A 379 -11.49 6.81 -7.64
N THR A 380 -11.06 6.11 -6.58
CA THR A 380 -10.25 4.88 -6.84
C THR A 380 -11.14 3.78 -7.39
N MET A 381 -12.36 3.88 -6.90
CA MET A 381 -13.43 2.91 -7.19
C MET A 381 -13.70 2.89 -8.69
N LEU A 382 -13.56 4.07 -9.29
CA LEU A 382 -13.66 4.30 -10.74
C LEU A 382 -12.49 3.65 -11.47
N ALA A 383 -11.28 3.73 -10.97
CA ALA A 383 -10.23 2.93 -11.65
C ALA A 383 -10.40 1.43 -11.38
N VAL A 384 -10.82 1.10 -10.17
CA VAL A 384 -11.05 -0.34 -9.84
C VAL A 384 -12.14 -0.99 -10.71
N LYS A 385 -13.30 -0.32 -10.89
CA LYS A 385 -14.39 -0.88 -11.74
C LYS A 385 -14.00 -0.98 -13.23
N TYR A 386 -13.21 0.01 -13.66
CA TYR A 386 -12.71 0.00 -15.02
C TYR A 386 -11.88 -1.28 -15.24
N VAL A 387 -10.89 -1.48 -14.46
CA VAL A 387 -10.03 -2.65 -14.68
C VAL A 387 -10.79 -3.98 -14.53
N THR A 388 -11.84 -4.01 -13.67
CA THR A 388 -12.65 -5.23 -13.39
C THR A 388 -13.48 -5.57 -14.64
N ASN A 389 -13.99 -4.50 -15.16
CA ASN A 389 -14.70 -4.58 -16.39
C ASN A 389 -13.80 -4.96 -17.57
N TYR A 390 -12.59 -4.40 -17.62
CA TYR A 390 -11.59 -4.89 -18.55
C TYR A 390 -11.36 -6.39 -18.33
N THR A 391 -10.96 -6.81 -17.16
CA THR A 391 -10.61 -8.22 -16.98
C THR A 391 -11.76 -9.15 -17.34
N LEU A 392 -12.96 -8.75 -16.97
CA LEU A 392 -14.16 -9.59 -17.19
C LEU A 392 -14.28 -9.91 -18.68
N GLU A 393 -14.03 -8.91 -19.50
CA GLU A 393 -14.11 -9.12 -20.94
C GLU A 393 -12.80 -9.65 -21.53
N HIS A 394 -11.90 -10.17 -20.71
CA HIS A 394 -10.70 -10.82 -21.28
C HIS A 394 -10.38 -12.09 -20.50
N LEU A 395 -11.43 -12.81 -20.08
CA LEU A 395 -11.21 -13.97 -19.20
C LEU A 395 -10.85 -15.15 -20.09
#